data_7YUE
#
_entry.id   7YUE
#
_cell.length_a   99.596
_cell.length_b   129.900
_cell.length_c   40.439
_cell.angle_alpha   90.000
_cell.angle_beta   90.000
_cell.angle_gamma   90.000
#
_symmetry.space_group_name_H-M   'C 2 2 21'
#
loop_
_entity.id
_entity.type
_entity.pdbx_description
1 polymer 'Single chain variable Fragment'
2 polymer 'Spike protein S2'
3 water water
#
loop_
_entity_poly.entity_id
_entity_poly.type
_entity_poly.pdbx_seq_one_letter_code
_entity_poly.pdbx_strand_id
1 'polypeptide(L)'
;MAEVQLLESGGGLVQPGGSLRLSCAASGFTFSSYAMSWVRQAPGKGLEWVSAISRQGSKTAYADSVKGRFTISRDNSKNT
LYLQMNSLRAEDTAVYYCAKTTTAFDYWGQGTLVTVSSGGGGSGGGGSGGGGSTDIQMTQSPSSLSASVGDRVTITCRAS
QSISSYLNWYQQKPGKAPKLLIYQASALQSGVPSRFSGSGSGTDFTLTISSLQPEDFATYYCQQSHRRPLTFGQGTKVEI
KRAAALEHHHHHH
;
A
2 'polypeptide(L)' KSSRSFIEDLLFNKV C
#
# COMPACT_ATOMS: atom_id res chain seq x y z
N GLU A 3 -11.04 10.64 -12.61
CA GLU A 3 -10.08 11.64 -13.09
C GLU A 3 -8.84 11.77 -12.18
N VAL A 4 -8.81 11.08 -11.04
CA VAL A 4 -7.61 11.06 -10.20
C VAL A 4 -6.58 10.13 -10.82
N GLN A 5 -5.36 10.65 -11.02
CA GLN A 5 -4.33 9.92 -11.74
C GLN A 5 -2.97 10.06 -11.08
N LEU A 6 -2.25 8.95 -10.97
CA LEU A 6 -0.86 8.91 -10.51
C LEU A 6 -0.08 8.07 -11.52
N LEU A 7 0.82 8.72 -12.26
CA LEU A 7 1.49 8.13 -13.41
C LEU A 7 2.96 7.94 -13.07
N GLU A 8 3.39 6.70 -12.90
CA GLU A 8 4.78 6.48 -12.54
C GLU A 8 5.63 6.15 -13.76
N SER A 9 6.89 6.59 -13.68
CA SER A 9 7.88 6.30 -14.69
C SER A 9 9.24 6.23 -14.02
N GLY A 10 10.23 5.72 -14.76
CA GLY A 10 11.62 5.75 -14.36
C GLY A 10 12.21 4.43 -13.92
N GLY A 11 11.41 3.39 -13.79
CA GLY A 11 11.92 2.10 -13.37
C GLY A 11 12.68 1.40 -14.49
N GLY A 12 13.09 0.16 -14.21
CA GLY A 12 13.77 -0.66 -15.18
C GLY A 12 14.78 -1.56 -14.49
N LEU A 13 15.76 -1.96 -15.27
CA LEU A 13 16.78 -2.94 -14.87
C LEU A 13 18.09 -2.23 -14.55
N VAL A 14 18.76 -2.64 -13.48
CA VAL A 14 19.95 -1.94 -13.02
C VAL A 14 20.86 -2.96 -12.32
N GLN A 15 22.17 -2.73 -12.42
CA GLN A 15 23.15 -3.57 -11.74
C GLN A 15 23.24 -3.20 -10.25
N PRO A 16 23.58 -4.16 -9.39
CA PRO A 16 23.76 -3.84 -7.96
C PRO A 16 24.74 -2.68 -7.80
N GLY A 17 24.39 -1.77 -6.89
CA GLY A 17 25.19 -0.60 -6.62
C GLY A 17 24.85 0.63 -7.44
N GLY A 18 24.20 0.45 -8.59
CA GLY A 18 23.76 1.58 -9.40
C GLY A 18 22.60 2.37 -8.76
N SER A 19 21.99 3.22 -9.58
CA SER A 19 20.99 4.16 -9.12
C SER A 19 19.86 4.27 -10.13
N LEU A 20 18.68 4.66 -9.62
CA LEU A 20 17.50 4.97 -10.41
C LEU A 20 16.72 6.10 -9.73
N ARG A 21 16.04 6.90 -10.54
CA ARG A 21 15.15 7.93 -10.03
C ARG A 21 13.75 7.63 -10.55
N LEU A 22 12.82 7.42 -9.63
CA LEU A 22 11.42 7.24 -9.99
C LEU A 22 10.69 8.58 -9.95
N SER A 23 9.73 8.75 -10.87
CA SER A 23 8.78 9.84 -10.82
C SER A 23 7.34 9.34 -10.78
N CYS A 24 6.49 10.12 -10.09
CA CYS A 24 5.05 9.94 -10.03
C CYS A 24 4.42 11.27 -10.40
N ALA A 25 3.70 11.30 -11.51
CA ALA A 25 3.04 12.52 -12.00
C ALA A 25 1.58 12.48 -11.57
N ALA A 26 1.17 13.47 -10.79
CA ALA A 26 -0.17 13.50 -10.21
C ALA A 26 -1.06 14.49 -10.97
N SER A 27 -2.30 14.08 -11.20
CA SER A 27 -3.32 14.97 -11.75
C SER A 27 -4.66 14.65 -11.10
N GLY A 28 -5.60 15.59 -11.16
CA GLY A 28 -6.98 15.31 -10.74
C GLY A 28 -7.29 15.55 -9.27
N PHE A 29 -6.39 16.19 -8.54
CA PHE A 29 -6.63 16.59 -7.16
C PHE A 29 -5.55 17.61 -6.84
N THR A 30 -5.68 18.25 -5.68
CA THR A 30 -4.71 19.28 -5.31
C THR A 30 -3.54 18.59 -4.61
N PHE A 31 -2.49 18.35 -5.40
CA PHE A 31 -1.34 17.55 -4.99
C PHE A 31 -0.73 18.04 -3.68
N SER A 32 -0.56 19.36 -3.56
CA SER A 32 0.03 19.94 -2.35
C SER A 32 -0.84 19.82 -1.12
N SER A 33 -2.08 19.34 -1.25
CA SER A 33 -2.94 19.17 -0.09
C SER A 33 -2.75 17.83 0.60
N TYR A 34 -1.91 16.94 0.06
CA TYR A 34 -1.82 15.57 0.57
C TYR A 34 -0.38 15.11 0.76
N ALA A 35 -0.17 14.34 1.83
CA ALA A 35 1.07 13.57 1.99
C ALA A 35 1.10 12.40 1.00
N MET A 36 2.30 12.01 0.61
CA MET A 36 2.50 11.02 -0.43
C MET A 36 3.51 9.98 0.04
N SER A 37 3.31 8.74 -0.38
CA SER A 37 4.15 7.62 0.01
C SER A 37 4.68 6.84 -1.20
N TRP A 38 5.68 6.01 -0.94
CA TRP A 38 6.11 4.97 -1.86
C TRP A 38 5.94 3.64 -1.18
N VAL A 39 5.29 2.70 -1.87
CA VAL A 39 5.08 1.35 -1.37
C VAL A 39 5.59 0.40 -2.43
N ARG A 40 6.29 -0.65 -2.03
CA ARG A 40 6.88 -1.57 -2.97
C ARG A 40 6.41 -2.99 -2.69
N GLN A 41 6.52 -3.83 -3.71
CA GLN A 41 6.06 -5.22 -3.65
C GLN A 41 7.06 -6.09 -4.40
N ALA A 42 7.85 -6.87 -3.67
CA ALA A 42 8.77 -7.80 -4.30
C ALA A 42 7.99 -8.91 -5.01
N PRO A 43 8.53 -9.49 -6.10
CA PRO A 43 7.73 -10.42 -6.92
C PRO A 43 7.20 -11.58 -6.10
N GLY A 44 5.91 -11.88 -6.31
CA GLY A 44 5.23 -12.87 -5.52
C GLY A 44 5.22 -12.64 -4.03
N LYS A 45 5.58 -11.44 -3.58
CA LYS A 45 5.61 -11.15 -2.16
C LYS A 45 4.58 -10.05 -1.83
N GLY A 46 4.62 -9.57 -0.59
CA GLY A 46 3.59 -8.68 -0.09
C GLY A 46 3.94 -7.20 -0.29
N LEU A 47 3.08 -6.36 0.27
CA LEU A 47 3.28 -4.91 0.22
C LEU A 47 4.12 -4.46 1.39
N GLU A 48 4.99 -3.47 1.14
CA GLU A 48 5.92 -2.96 2.13
C GLU A 48 6.02 -1.44 1.97
N TRP A 49 5.71 -0.71 3.02
CA TRP A 49 5.84 0.74 2.96
C TRP A 49 7.32 1.12 2.93
N VAL A 50 7.66 2.12 2.13
CA VAL A 50 9.04 2.49 1.86
C VAL A 50 9.38 3.88 2.39
N SER A 51 8.51 4.85 2.11
CA SER A 51 8.84 6.26 2.32
C SER A 51 7.56 7.10 2.33
N ALA A 52 7.68 8.32 2.85
CA ALA A 52 6.55 9.26 2.87
C ALA A 52 7.08 10.67 3.05
N ILE A 53 6.32 11.64 2.55
CA ILE A 53 6.72 13.04 2.61
C ILE A 53 5.47 13.88 2.89
N SER A 54 5.68 14.99 3.62
CA SER A 54 4.56 15.84 4.02
C SER A 54 4.09 16.67 2.83
N ARG A 55 3.02 17.46 3.06
CA ARG A 55 2.37 18.18 1.96
C ARG A 55 3.33 19.15 1.28
N GLN A 56 4.11 19.90 2.07
CA GLN A 56 5.02 20.92 1.56
C GLN A 56 6.41 20.38 1.21
N GLY A 57 6.73 19.14 1.59
CA GLY A 57 8.05 18.58 1.43
C GLY A 57 8.95 18.73 2.64
N SER A 58 8.46 19.34 3.71
CA SER A 58 9.33 19.70 4.84
C SER A 58 9.71 18.49 5.67
N LYS A 59 8.84 17.48 5.76
CA LYS A 59 9.09 16.31 6.58
C LYS A 59 9.14 15.06 5.71
N THR A 60 10.10 14.18 5.98
CA THR A 60 10.18 12.90 5.28
C THR A 60 10.32 11.78 6.30
N ALA A 61 9.93 10.57 5.89
CA ALA A 61 10.12 9.35 6.67
C ALA A 61 10.59 8.22 5.75
N TYR A 62 11.33 7.28 6.32
CA TYR A 62 11.92 6.18 5.58
C TYR A 62 11.84 4.90 6.39
N ALA A 63 11.48 3.80 5.72
CA ALA A 63 11.63 2.49 6.35
C ALA A 63 13.10 2.25 6.64
N ASP A 64 13.38 1.45 7.69
CA ASP A 64 14.76 1.10 8.02
C ASP A 64 15.48 0.46 6.84
N SER A 65 14.75 -0.34 6.06
CA SER A 65 15.37 -1.08 4.96
C SER A 65 16.02 -0.15 3.94
N VAL A 66 15.45 1.03 3.70
CA VAL A 66 15.97 1.94 2.68
C VAL A 66 16.65 3.15 3.28
N LYS A 67 16.81 3.21 4.59
CA LYS A 67 17.38 4.36 5.29
C LYS A 67 18.80 4.64 4.80
N GLY A 68 19.08 5.88 4.45
CA GLY A 68 20.37 6.29 3.97
C GLY A 68 20.56 6.19 2.47
N ARG A 69 19.84 5.28 1.81
CA ARG A 69 20.04 5.05 0.38
C ARG A 69 18.97 5.70 -0.47
N PHE A 70 17.74 5.78 0.02
CA PHE A 70 16.62 6.30 -0.76
C PHE A 70 16.29 7.69 -0.23
N THR A 71 15.87 8.56 -1.14
CA THR A 71 15.49 9.91 -0.80
C THR A 71 14.19 10.25 -1.51
N ILE A 72 13.20 10.69 -0.74
CA ILE A 72 11.91 11.07 -1.31
C ILE A 72 11.89 12.59 -1.41
N SER A 73 11.29 13.09 -2.49
CA SER A 73 11.09 14.53 -2.62
C SER A 73 9.87 14.76 -3.48
N ARG A 74 9.38 15.99 -3.46
CA ARG A 74 8.23 16.39 -4.24
C ARG A 74 8.47 17.77 -4.84
N ASP A 75 7.80 18.03 -5.94
CA ASP A 75 7.81 19.33 -6.59
C ASP A 75 6.34 19.69 -6.77
N ASN A 76 5.82 20.58 -5.91
CA ASN A 76 4.39 20.84 -6.00
C ASN A 76 4.04 21.73 -7.18
N SER A 77 5.02 22.43 -7.75
CA SER A 77 4.74 23.25 -8.92
C SER A 77 4.60 22.42 -10.19
N LYS A 78 5.13 21.18 -10.20
CA LYS A 78 4.89 20.26 -11.29
C LYS A 78 3.98 19.10 -10.90
N ASN A 79 3.48 19.09 -9.66
CA ASN A 79 2.64 18.00 -9.14
C ASN A 79 3.32 16.64 -9.33
N THR A 80 4.60 16.55 -8.92
CA THR A 80 5.40 15.37 -9.16
C THR A 80 6.07 14.91 -7.87
N LEU A 81 6.02 13.60 -7.63
CA LEU A 81 6.67 12.97 -6.49
C LEU A 81 7.86 12.17 -6.99
N TYR A 82 8.97 12.19 -6.23
CA TYR A 82 10.21 11.57 -6.68
C TYR A 82 10.74 10.56 -5.67
N LEU A 83 11.50 9.56 -6.16
CA LEU A 83 12.23 8.63 -5.32
C LEU A 83 13.61 8.39 -5.93
N GLN A 84 14.63 8.99 -5.32
CA GLN A 84 16.02 8.79 -5.72
C GLN A 84 16.52 7.55 -4.97
N MET A 85 16.84 6.50 -5.71
CA MET A 85 17.30 5.25 -5.14
C MET A 85 18.77 5.06 -5.50
N ASN A 86 19.66 5.20 -4.52
CA ASN A 86 21.08 4.92 -4.67
C ASN A 86 21.44 3.66 -3.90
N SER A 87 22.64 3.16 -4.17
CA SER A 87 23.18 1.97 -3.51
C SER A 87 22.21 0.80 -3.61
N LEU A 88 21.74 0.57 -4.85
CA LEU A 88 20.67 -0.39 -5.05
C LEU A 88 21.15 -1.81 -4.75
N ARG A 89 20.33 -2.57 -4.05
CA ARG A 89 20.60 -3.95 -3.73
C ARG A 89 19.61 -4.86 -4.44
N ALA A 90 19.98 -6.13 -4.58
CA ALA A 90 19.05 -7.09 -5.17
C ALA A 90 17.78 -7.21 -4.35
N GLU A 91 17.84 -6.90 -3.04
CA GLU A 91 16.66 -6.93 -2.18
C GLU A 91 15.70 -5.80 -2.48
N ASP A 92 16.13 -4.76 -3.19
CA ASP A 92 15.26 -3.67 -3.60
C ASP A 92 14.39 -4.02 -4.79
N THR A 93 14.45 -5.26 -5.25
CA THR A 93 13.78 -5.68 -6.47
C THR A 93 12.28 -5.79 -6.22
N ALA A 94 11.49 -4.95 -6.91
CA ALA A 94 10.08 -4.83 -6.59
C ALA A 94 9.40 -3.90 -7.58
N VAL A 95 8.08 -4.06 -7.68
CA VAL A 95 7.23 -3.02 -8.25
C VAL A 95 7.02 -1.93 -7.19
N TYR A 96 7.28 -0.68 -7.57
CA TYR A 96 7.18 0.47 -6.69
C TYR A 96 5.95 1.30 -7.04
N TYR A 97 5.10 1.56 -6.06
CA TYR A 97 3.89 2.37 -6.22
C TYR A 97 4.01 3.67 -5.46
N CYS A 98 3.48 4.76 -6.03
CA CYS A 98 3.22 5.96 -5.25
C CYS A 98 1.77 5.97 -4.80
N ALA A 99 1.53 6.49 -3.60
CA ALA A 99 0.20 6.44 -2.99
C ALA A 99 -0.07 7.74 -2.27
N LYS A 100 -1.16 8.39 -2.65
CA LYS A 100 -1.85 9.40 -1.84
C LYS A 100 -2.12 8.86 -0.44
N THR A 101 -1.63 9.57 0.59
CA THR A 101 -1.64 9.04 1.95
C THR A 101 -2.44 9.92 2.92
N THR A 102 -3.55 9.36 3.42
CA THR A 102 -4.37 9.99 4.46
C THR A 102 -4.39 9.02 5.64
N THR A 103 -5.56 8.59 6.10
CA THR A 103 -5.60 7.54 7.11
C THR A 103 -5.45 6.17 6.49
N ALA A 104 -5.49 6.10 5.17
CA ALA A 104 -5.11 4.94 4.38
C ALA A 104 -4.39 5.45 3.15
N PHE A 105 -3.99 4.52 2.28
CA PHE A 105 -3.45 4.86 0.96
C PHE A 105 -4.63 4.91 -0.01
N ASP A 106 -5.12 6.13 -0.28
CA ASP A 106 -6.42 6.30 -0.94
C ASP A 106 -6.36 5.87 -2.40
N TYR A 107 -5.30 6.26 -3.12
CA TYR A 107 -5.19 5.99 -4.54
C TYR A 107 -3.74 5.66 -4.85
N TRP A 108 -3.55 4.62 -5.63
CA TRP A 108 -2.22 4.13 -5.96
C TRP A 108 -1.97 4.34 -7.44
N GLY A 109 -0.71 4.67 -7.78
CA GLY A 109 -0.29 4.63 -9.18
C GLY A 109 -0.21 3.21 -9.71
N GLN A 110 0.02 3.09 -11.02
CA GLN A 110 0.00 1.77 -11.66
C GLN A 110 1.22 0.92 -11.29
N GLY A 111 2.32 1.53 -10.85
CA GLY A 111 3.47 0.81 -10.35
C GLY A 111 4.55 0.60 -11.41
N THR A 112 5.81 0.87 -11.06
CA THR A 112 6.94 0.67 -11.97
C THR A 112 7.89 -0.38 -11.38
N LEU A 113 8.26 -1.36 -12.21
CA LEU A 113 9.17 -2.42 -11.79
C LEU A 113 10.63 -1.95 -11.78
N VAL A 114 11.34 -2.35 -10.73
CA VAL A 114 12.75 -2.04 -10.54
C VAL A 114 13.43 -3.36 -10.24
N THR A 115 14.23 -3.85 -11.18
CA THR A 115 14.93 -5.12 -11.02
C THR A 115 16.41 -4.84 -10.82
N VAL A 116 16.96 -5.31 -9.71
CA VAL A 116 18.37 -5.14 -9.40
C VAL A 116 19.04 -6.50 -9.56
N SER A 117 19.84 -6.66 -10.62
CA SER A 117 20.48 -7.92 -10.96
C SER A 117 21.78 -7.65 -11.70
N SER A 118 22.63 -8.67 -11.80
CA SER A 118 23.93 -8.54 -12.51
C SER A 118 24.11 -9.59 -13.62
N SER A 133 11.54 -7.19 16.40
CA SER A 133 11.28 -5.76 16.18
C SER A 133 10.20 -5.20 17.10
N THR A 134 10.17 -3.88 17.25
CA THR A 134 9.07 -3.19 17.91
C THR A 134 7.94 -2.82 16.98
N ASP A 135 8.04 -3.16 15.69
CA ASP A 135 6.99 -2.84 14.73
C ASP A 135 5.75 -3.70 14.98
N ILE A 136 4.62 -3.24 14.48
CA ILE A 136 3.38 -4.00 14.60
C ILE A 136 3.30 -5.00 13.46
N GLN A 137 3.06 -6.25 13.80
CA GLN A 137 3.02 -7.34 12.83
C GLN A 137 1.57 -7.63 12.47
N MET A 138 1.26 -7.58 11.17
CA MET A 138 -0.07 -7.90 10.68
C MET A 138 -0.02 -9.29 10.06
N THR A 139 -0.92 -10.18 10.51
CA THR A 139 -0.98 -11.54 9.97
C THR A 139 -2.39 -11.87 9.53
N GLN A 140 -2.53 -12.33 8.29
CA GLN A 140 -3.85 -12.62 7.75
C GLN A 140 -4.08 -14.12 7.68
N SER A 141 -5.35 -14.52 7.70
CA SER A 141 -5.70 -15.91 7.63
C SER A 141 -7.05 -16.05 6.93
N PRO A 142 -7.18 -16.96 5.96
CA PRO A 142 -6.07 -17.81 5.50
C PRO A 142 -5.15 -17.07 4.53
N SER A 143 -4.05 -17.68 4.12
CA SER A 143 -3.17 -17.01 3.16
C SER A 143 -3.68 -17.10 1.73
N SER A 144 -4.58 -18.03 1.45
CA SER A 144 -5.36 -18.02 0.22
C SER A 144 -6.54 -18.97 0.40
N LEU A 145 -7.47 -18.91 -0.55
CA LEU A 145 -8.67 -19.75 -0.49
C LEU A 145 -9.36 -19.70 -1.84
N SER A 146 -10.11 -20.78 -2.14
CA SER A 146 -10.93 -20.88 -3.35
C SER A 146 -12.37 -21.17 -2.96
N ALA A 147 -13.30 -20.43 -3.57
CA ALA A 147 -14.70 -20.52 -3.21
C ALA A 147 -15.53 -20.25 -4.46
N SER A 148 -16.82 -20.56 -4.38
CA SER A 148 -17.69 -20.47 -5.55
C SER A 148 -18.54 -19.22 -5.52
N VAL A 149 -19.06 -18.84 -6.69
CA VAL A 149 -19.88 -17.64 -6.78
C VAL A 149 -21.08 -17.80 -5.88
N GLY A 150 -21.37 -16.74 -5.11
CA GLY A 150 -22.43 -16.75 -4.13
C GLY A 150 -21.99 -17.16 -2.75
N ASP A 151 -20.81 -17.75 -2.61
CA ASP A 151 -20.30 -18.11 -1.30
C ASP A 151 -20.06 -16.85 -0.46
N ARG A 152 -20.11 -17.04 0.85
CA ARG A 152 -19.74 -16.01 1.82
C ARG A 152 -18.29 -16.26 2.23
N VAL A 153 -17.43 -15.28 2.02
CA VAL A 153 -16.00 -15.43 2.28
C VAL A 153 -15.63 -14.55 3.46
N THR A 154 -14.82 -15.11 4.36
CA THR A 154 -14.39 -14.41 5.56
C THR A 154 -12.87 -14.48 5.65
N ILE A 155 -12.24 -13.33 5.88
CA ILE A 155 -10.80 -13.21 6.02
C ILE A 155 -10.50 -12.54 7.34
N THR A 156 -9.44 -13.00 8.01
CA THR A 156 -9.07 -12.45 9.29
C THR A 156 -7.69 -11.81 9.22
N CYS A 157 -7.51 -10.82 10.08
CA CYS A 157 -6.33 -9.97 10.13
C CYS A 157 -6.10 -9.72 11.62
N ARG A 158 -4.92 -10.09 12.10
CA ARG A 158 -4.58 -9.92 13.50
C ARG A 158 -3.37 -8.99 13.61
N ALA A 159 -3.39 -8.10 14.60
CA ALA A 159 -2.25 -7.26 14.87
C ALA A 159 -1.56 -7.77 16.13
N SER A 160 -0.23 -7.70 16.14
CA SER A 160 0.48 -8.20 17.31
C SER A 160 0.24 -7.33 18.53
N GLN A 161 -0.17 -6.08 18.33
CA GLN A 161 -0.59 -5.23 19.44
C GLN A 161 -1.70 -4.33 18.92
N SER A 162 -2.39 -3.65 19.85
CA SER A 162 -3.55 -2.86 19.49
C SER A 162 -3.23 -1.82 18.43
N ILE A 163 -4.14 -1.68 17.45
CA ILE A 163 -4.11 -0.64 16.43
C ILE A 163 -5.41 0.16 16.44
N SER A 164 -6.17 0.07 17.54
CA SER A 164 -7.44 0.78 17.71
C SER A 164 -8.36 0.30 16.59
N SER A 165 -8.84 1.19 15.72
CA SER A 165 -9.68 0.81 14.59
C SER A 165 -9.06 1.25 13.27
N TYR A 166 -7.74 1.55 13.27
CA TYR A 166 -7.07 2.05 12.07
C TYR A 166 -6.51 0.90 11.25
N LEU A 167 -7.42 0.15 10.66
CA LEU A 167 -7.11 -1.03 9.87
C LEU A 167 -7.71 -0.86 8.49
N ASN A 168 -6.87 -0.97 7.47
CA ASN A 168 -7.28 -0.73 6.09
C ASN A 168 -7.23 -2.02 5.30
N TRP A 169 -8.15 -2.16 4.34
CA TRP A 169 -8.23 -3.32 3.47
C TRP A 169 -8.05 -2.88 2.03
N TYR A 170 -7.15 -3.55 1.31
CA TYR A 170 -6.87 -3.24 -0.08
C TYR A 170 -7.13 -4.46 -0.96
N GLN A 171 -7.63 -4.19 -2.16
CA GLN A 171 -7.88 -5.23 -3.16
C GLN A 171 -6.87 -5.10 -4.29
N GLN A 172 -6.18 -6.19 -4.62
CA GLN A 172 -5.20 -6.15 -5.70
C GLN A 172 -5.53 -7.23 -6.71
N LYS A 173 -5.91 -6.79 -7.92
CA LYS A 173 -6.05 -7.71 -9.04
C LYS A 173 -4.66 -8.17 -9.49
N PRO A 174 -4.56 -9.34 -10.11
CA PRO A 174 -3.28 -9.74 -10.71
C PRO A 174 -2.80 -8.70 -11.71
N GLY A 175 -1.58 -8.23 -11.51
CA GLY A 175 -0.97 -7.26 -12.40
C GLY A 175 -1.39 -5.83 -12.20
N LYS A 176 -2.31 -5.56 -11.29
CA LYS A 176 -2.81 -4.20 -11.11
C LYS A 176 -2.34 -3.65 -9.78
N ALA A 177 -2.52 -2.35 -9.62
CA ALA A 177 -2.16 -1.71 -8.38
C ALA A 177 -3.25 -1.98 -7.35
N PRO A 178 -2.91 -1.94 -6.07
CA PRO A 178 -3.95 -2.07 -5.04
C PRO A 178 -4.97 -0.94 -5.14
N LYS A 179 -6.22 -1.30 -4.89
CA LYS A 179 -7.30 -0.35 -4.66
C LYS A 179 -7.77 -0.41 -3.21
N LEU A 180 -8.01 0.77 -2.63
CA LEU A 180 -8.52 0.82 -1.27
C LEU A 180 -9.98 0.39 -1.25
N LEU A 181 -10.27 -0.59 -0.41
CA LEU A 181 -11.60 -1.14 -0.26
C LEU A 181 -12.32 -0.59 0.97
N ILE A 182 -11.74 -0.79 2.15
CA ILE A 182 -12.30 -0.39 3.43
C ILE A 182 -11.18 0.25 4.24
N TYR A 183 -11.50 1.35 4.95
CA TYR A 183 -10.55 1.97 5.84
C TYR A 183 -11.18 2.18 7.21
N GLN A 184 -10.32 2.32 8.21
CA GLN A 184 -10.75 2.45 9.60
C GLN A 184 -11.72 1.33 9.97
N ALA A 185 -11.31 0.11 9.62
CA ALA A 185 -11.96 -1.14 9.99
C ALA A 185 -13.27 -1.37 9.25
N SER A 186 -14.10 -0.33 9.09
CA SER A 186 -15.45 -0.56 8.58
C SER A 186 -15.94 0.47 7.55
N ALA A 187 -15.23 1.57 7.32
CA ALA A 187 -15.69 2.58 6.38
C ALA A 187 -15.37 2.14 4.95
N LEU A 188 -16.39 2.10 4.08
CA LEU A 188 -16.19 1.72 2.69
C LEU A 188 -15.69 2.90 1.85
N GLN A 189 -14.68 2.66 1.03
CA GLN A 189 -14.31 3.64 0.04
C GLN A 189 -15.48 3.87 -0.94
N SER A 190 -15.51 5.06 -1.53
CA SER A 190 -16.56 5.37 -2.49
C SER A 190 -16.61 4.33 -3.60
N GLY A 191 -17.82 3.96 -4.02
CA GLY A 191 -18.00 3.05 -5.12
C GLY A 191 -17.70 1.60 -4.83
N VAL A 192 -17.43 1.23 -3.59
CA VAL A 192 -17.21 -0.19 -3.28
C VAL A 192 -18.57 -0.84 -3.03
N PRO A 193 -18.83 -2.02 -3.61
CA PRO A 193 -20.12 -2.70 -3.43
C PRO A 193 -20.40 -3.03 -1.96
N SER A 194 -21.69 -3.05 -1.60
CA SER A 194 -22.08 -3.30 -0.22
C SER A 194 -21.81 -4.73 0.22
N ARG A 195 -21.51 -5.62 -0.72
CA ARG A 195 -21.15 -7.00 -0.38
C ARG A 195 -19.88 -7.07 0.46
N PHE A 196 -19.13 -5.98 0.57
CA PHE A 196 -17.90 -5.94 1.35
C PHE A 196 -18.18 -5.28 2.70
N SER A 197 -17.76 -5.93 3.77
CA SER A 197 -17.92 -5.37 5.10
C SER A 197 -16.66 -5.66 5.88
N GLY A 198 -16.32 -4.78 6.81
CA GLY A 198 -15.24 -5.02 7.73
C GLY A 198 -15.68 -4.72 9.15
N SER A 199 -15.04 -5.39 10.09
CA SER A 199 -15.33 -5.15 11.48
C SER A 199 -14.09 -5.48 12.30
N GLY A 200 -14.15 -5.16 13.58
CA GLY A 200 -13.08 -5.45 14.49
C GLY A 200 -12.44 -4.19 15.04
N SER A 201 -11.70 -4.38 16.12
CA SER A 201 -11.05 -3.28 16.82
C SER A 201 -9.97 -3.89 17.70
N GLY A 202 -8.99 -3.06 18.06
CA GLY A 202 -7.90 -3.57 18.87
C GLY A 202 -6.92 -4.44 18.11
N THR A 203 -7.10 -5.76 18.14
CA THR A 203 -6.14 -6.67 17.54
C THR A 203 -6.73 -7.69 16.57
N ASP A 204 -8.04 -7.80 16.45
CA ASP A 204 -8.69 -8.82 15.63
C ASP A 204 -9.68 -8.17 14.67
N PHE A 205 -9.48 -8.37 13.37
CA PHE A 205 -10.30 -7.73 12.36
C PHE A 205 -10.77 -8.76 11.34
N THR A 206 -11.81 -8.41 10.61
CA THR A 206 -12.39 -9.31 9.64
C THR A 206 -12.87 -8.51 8.45
N LEU A 207 -12.62 -9.07 7.27
CA LEU A 207 -13.25 -8.66 6.03
C LEU A 207 -14.22 -9.76 5.63
N THR A 208 -15.41 -9.37 5.18
CA THR A 208 -16.44 -10.30 4.76
C THR A 208 -16.92 -9.91 3.37
N ILE A 209 -17.06 -10.91 2.50
CA ILE A 209 -17.77 -10.78 1.22
C ILE A 209 -19.04 -11.60 1.33
N SER A 210 -20.19 -10.94 1.33
CA SER A 210 -21.46 -11.63 1.55
C SER A 210 -21.74 -12.62 0.43
N SER A 211 -21.77 -12.14 -0.80
CA SER A 211 -22.02 -12.96 -2.00
C SER A 211 -20.86 -12.76 -2.96
N LEU A 212 -19.98 -13.75 -3.03
CA LEU A 212 -18.82 -13.68 -3.92
C LEU A 212 -19.25 -13.58 -5.38
N GLN A 213 -18.62 -12.64 -6.11
CA GLN A 213 -18.83 -12.45 -7.54
C GLN A 213 -17.61 -12.85 -8.35
N PRO A 214 -17.75 -13.07 -9.65
CA PRO A 214 -16.57 -13.46 -10.44
C PRO A 214 -15.49 -12.40 -10.46
N GLU A 215 -15.87 -11.11 -10.47
CA GLU A 215 -14.87 -10.05 -10.51
C GLU A 215 -14.16 -9.86 -9.17
N ASP A 216 -14.50 -10.65 -8.15
CA ASP A 216 -13.90 -10.43 -6.83
C ASP A 216 -12.57 -11.14 -6.64
N PHE A 217 -12.13 -11.97 -7.59
CA PHE A 217 -10.85 -12.63 -7.43
C PHE A 217 -9.74 -11.59 -7.34
N ALA A 218 -8.86 -11.77 -6.35
CA ALA A 218 -7.81 -10.82 -6.03
C ALA A 218 -7.02 -11.29 -4.81
N THR A 219 -5.95 -10.58 -4.47
CA THR A 219 -5.32 -10.74 -3.17
C THR A 219 -5.75 -9.58 -2.28
N TYR A 220 -6.21 -9.90 -1.07
CA TYR A 220 -6.70 -8.90 -0.15
C TYR A 220 -5.66 -8.69 0.94
N TYR A 221 -5.29 -7.42 1.16
CA TYR A 221 -4.29 -7.04 2.14
C TYR A 221 -4.94 -6.18 3.21
N CYS A 222 -4.57 -6.43 4.46
CA CYS A 222 -4.84 -5.48 5.53
C CYS A 222 -3.58 -4.71 5.86
N GLN A 223 -3.75 -3.58 6.53
CA GLN A 223 -2.66 -2.65 6.79
C GLN A 223 -3.08 -1.72 7.91
N GLN A 224 -2.19 -1.52 8.87
CA GLN A 224 -2.53 -0.68 10.02
C GLN A 224 -1.88 0.69 9.85
N SER A 225 -2.67 1.72 10.17
CA SER A 225 -2.20 3.10 10.22
C SER A 225 -2.36 3.60 11.65
N HIS A 226 -1.82 2.87 12.61
CA HIS A 226 -1.85 3.28 14.01
C HIS A 226 -0.53 3.90 14.45
N ARG A 227 0.59 3.25 14.12
CA ARG A 227 1.91 3.74 14.49
C ARG A 227 2.88 3.45 13.36
N ARG A 228 3.73 4.43 13.05
CA ARG A 228 4.81 4.19 12.10
C ARG A 228 5.74 3.10 12.64
N PRO A 229 6.32 2.28 11.74
CA PRO A 229 6.03 2.32 10.30
C PRO A 229 4.72 1.61 9.95
N LEU A 230 4.07 2.07 8.89
CA LEU A 230 2.87 1.43 8.40
C LEU A 230 3.20 0.02 7.89
N THR A 231 2.40 -0.97 8.29
CA THR A 231 2.72 -2.36 8.04
C THR A 231 1.53 -3.09 7.44
N PHE A 232 1.82 -4.03 6.54
CA PHE A 232 0.83 -4.77 5.79
C PHE A 232 0.79 -6.21 6.30
N GLY A 233 -0.38 -6.84 6.18
CA GLY A 233 -0.43 -8.27 6.22
C GLY A 233 0.24 -8.84 4.99
N GLN A 234 0.38 -10.16 4.99
CA GLN A 234 1.03 -10.83 3.86
C GLN A 234 0.06 -11.14 2.72
N GLY A 235 -1.24 -10.86 2.87
CA GLY A 235 -2.22 -11.00 1.81
C GLY A 235 -3.04 -12.27 1.94
N THR A 236 -4.25 -12.22 1.37
CA THR A 236 -5.10 -13.40 1.18
C THR A 236 -5.51 -13.44 -0.28
N LYS A 237 -4.91 -14.35 -1.04
CA LYS A 237 -5.34 -14.60 -2.41
C LYS A 237 -6.70 -15.31 -2.40
N VAL A 238 -7.66 -14.79 -3.15
CA VAL A 238 -8.98 -15.40 -3.28
C VAL A 238 -9.24 -15.72 -4.74
N GLU A 239 -9.53 -16.98 -5.02
CA GLU A 239 -9.87 -17.43 -6.37
C GLU A 239 -11.31 -17.93 -6.41
N ILE A 240 -11.93 -17.74 -7.57
CA ILE A 240 -13.32 -18.18 -7.79
C ILE A 240 -13.21 -19.55 -8.47
N LYS A 241 -13.07 -20.59 -7.64
CA LYS A 241 -12.71 -21.93 -8.08
C LYS A 241 -11.46 -21.94 -8.98
N SER B 5 -3.73 16.42 9.75
CA SER B 5 -2.69 16.28 10.77
C SER B 5 -2.77 14.92 11.42
N PHE B 6 -3.74 14.08 11.05
CA PHE B 6 -3.65 12.67 11.45
C PHE B 6 -2.40 12.03 10.86
N ILE B 7 -2.17 12.20 9.55
CA ILE B 7 -1.03 11.57 8.90
C ILE B 7 0.27 12.29 9.29
N GLU B 8 0.22 13.62 9.46
CA GLU B 8 1.39 14.35 9.96
C GLU B 8 1.85 13.82 11.33
N ASP B 9 0.93 13.66 12.28
CA ASP B 9 1.28 13.12 13.59
C ASP B 9 1.72 11.65 13.50
N LEU B 10 1.04 10.87 12.66
CA LEU B 10 1.36 9.46 12.51
C LEU B 10 2.74 9.23 11.89
N LEU B 11 3.07 9.97 10.82
CA LEU B 11 4.30 9.70 10.06
C LEU B 11 5.50 10.51 10.51
N PHE B 12 5.28 11.71 11.06
CA PHE B 12 6.37 12.65 11.33
C PHE B 12 6.36 13.18 12.77
#